data_9GBL
#
_entry.id   9GBL
#
_cell.length_a   56.821
_cell.length_b   85.683
_cell.length_c   135.12
_cell.angle_alpha   90
_cell.angle_beta   90
_cell.angle_gamma   90
#
_symmetry.space_group_name_H-M   'P 21 21 21'
#
loop_
_entity.id
_entity.type
_entity.pdbx_description
1 polymer 'Angiotensin-converting enzyme'
2 branched beta-D-mannopyranose-(1-4)-2-acetamido-2-deoxy-beta-D-glucopyranose-(1-4)-[alpha-L-fucopyranose-(1-6)]2-acetamido-2-deoxy-beta-D-glucopyranose
3 non-polymer 'ZINC ION'
4 non-polymer 'CHLORIDE ION'
5 non-polymer '(2S)-1-[(2S)-2-[[(1S)-1-[(2S)-1-(4-carboxyphenyl)carbonylpyrrolidin-2-yl]-2-oxidanyl-2-oxidanylidene-ethyl]amino]propanoyl]pyrrolidine-2-carboxylic acid'
6 water water
#
_entity_poly.entity_id   1
_entity_poly.type   'polypeptide(L)'
_entity_poly.pdbx_seq_one_letter_code
;LVTDEAEASKFVEEYDRTSQVVWNEYAGANWNYNTNITTETSKILLQKNMQIAQHTLKYGTQARKFDVNQLQNTTIKRII
KKVQDLERAALPAQELEEYNKILLDMETTYSVATVCHPQGSCLQLEPDLTNVMATSRKYEDLLWAWEGWRDKAGRAILQF
YPKYVELINQAARLNGYVDAGDSWRSMYETPSLEQDLERLFQELQPLYLNLHAYVRRALHRHYGAQHINLEGPIPAHLLG
NMWAQTWSNIYDLVVPFPSAPSMDTTEAMLKQGWTPRRMFKEADDFFTSLGLLPVPPEFWQKSMLEKPTDGREVVCHASA
WDFYNGKDFRIKQCTTVNLEDLVVAHHEMGHIQYFMQYKDLPVALREGANPGFHEAIGDVLALSVSTPKHLHSLNLLSSE
GGSDEHDINFLMKMALDKIAFIPFSYLVDQWRWRVFDGSITKENYNQEWWSLRLKYQGLCPPVPRTQGDFDPGAKFHIPS
SVPYIRYFVSFIIQFQFHEALCQAAGHTGPLHKCDIYQSKEAGQRLATAMKLGFSRPWPEAMQLITGQPQMSASAMLSYF
KPLLDWLRTENELHGEKLGWPQYNWTPNSARSEGPLP
;
_entity_poly.pdbx_strand_id   A
#
# COMPACT_ATOMS: atom_id res chain seq x y z
N ASP A 4 -25.07 34.74 -5.06
CA ASP A 4 -24.01 35.05 -6.06
C ASP A 4 -22.89 34.00 -5.93
N GLU A 5 -21.72 34.48 -5.50
CA GLU A 5 -20.62 33.72 -4.90
C GLU A 5 -20.95 33.39 -3.44
N ALA A 6 -21.98 34.05 -2.88
CA ALA A 6 -22.22 33.83 -1.46
C ALA A 6 -23.14 32.62 -1.20
N GLU A 7 -23.98 32.20 -2.17
CA GLU A 7 -24.69 30.93 -2.08
C GLU A 7 -23.76 29.71 -2.09
N ALA A 8 -22.63 29.82 -2.84
CA ALA A 8 -21.57 28.81 -2.92
C ALA A 8 -20.86 28.66 -1.58
N SER A 9 -20.48 29.79 -0.98
CA SER A 9 -19.93 29.87 0.35
C SER A 9 -20.80 29.13 1.37
N LYS A 10 -22.11 29.48 1.44
CA LYS A 10 -23.12 28.89 2.31
C LYS A 10 -23.27 27.37 2.04
N PHE A 11 -23.25 26.97 0.75
CA PHE A 11 -23.36 25.54 0.48
C PHE A 11 -22.12 24.85 1.05
N VAL A 12 -20.94 25.41 0.82
CA VAL A 12 -19.81 24.57 1.22
C VAL A 12 -19.78 24.48 2.74
N GLU A 13 -20.08 25.61 3.39
CA GLU A 13 -20.22 25.59 4.84
C GLU A 13 -21.22 24.52 5.28
N GLU A 14 -22.34 24.35 4.54
CA GLU A 14 -23.35 23.46 5.10
C GLU A 14 -22.94 22.00 4.89
N TYR A 15 -22.40 21.68 3.70
CA TYR A 15 -21.92 20.35 3.36
C TYR A 15 -20.84 19.92 4.37
N ASP A 16 -19.91 20.84 4.67
CA ASP A 16 -18.89 20.63 5.69
C ASP A 16 -19.43 20.19 7.07
N ARG A 17 -20.34 20.95 7.71
CA ARG A 17 -20.89 20.59 9.01
C ARG A 17 -21.67 19.27 8.97
N THR A 18 -22.44 19.01 7.92
CA THR A 18 -23.28 17.82 7.94
C THR A 18 -22.43 16.61 7.53
N SER A 19 -21.40 16.81 6.70
CA SER A 19 -20.50 15.72 6.37
C SER A 19 -19.95 15.05 7.61
N GLN A 20 -19.43 15.89 8.49
CA GLN A 20 -18.69 15.48 9.66
C GLN A 20 -19.49 14.51 10.51
N VAL A 21 -20.77 14.82 10.67
CA VAL A 21 -21.65 13.99 11.49
C VAL A 21 -21.88 12.64 10.81
N VAL A 22 -22.33 12.69 9.56
CA VAL A 22 -22.73 11.44 8.93
C VAL A 22 -21.50 10.54 8.71
N TRP A 23 -20.36 11.13 8.33
CA TRP A 23 -19.09 10.42 8.20
C TRP A 23 -18.62 9.87 9.54
N ASN A 24 -18.89 10.59 10.61
CA ASN A 24 -18.43 10.16 11.92
C ASN A 24 -19.21 8.91 12.34
N GLU A 25 -20.47 8.84 11.93
CA GLU A 25 -21.31 7.73 12.35
C GLU A 25 -20.97 6.52 11.51
N TYR A 26 -20.70 6.76 10.24
CA TYR A 26 -20.35 5.63 9.40
C TYR A 26 -18.95 5.09 9.70
N ALA A 27 -17.96 5.94 10.01
CA ALA A 27 -16.64 5.45 10.41
C ALA A 27 -16.76 4.49 11.59
N GLY A 28 -17.60 4.86 12.59
CA GLY A 28 -17.91 4.11 13.80
C GLY A 28 -18.40 2.69 13.49
N ALA A 29 -19.49 2.61 12.72
CA ALA A 29 -20.02 1.32 12.30
C ALA A 29 -19.01 0.60 11.41
N ASN A 30 -18.15 1.32 10.70
CA ASN A 30 -17.34 0.55 9.78
C ASN A 30 -16.25 -0.12 10.61
N TRP A 31 -15.92 0.55 11.72
CA TRP A 31 -14.90 0.07 12.63
C TRP A 31 -15.40 -1.15 13.39
N ASN A 32 -16.63 -1.00 13.92
CA ASN A 32 -17.30 -1.95 14.77
C ASN A 32 -17.47 -3.28 14.07
N TYR A 33 -17.51 -3.23 12.75
CA TYR A 33 -17.66 -4.46 12.00
C TYR A 33 -16.29 -5.06 11.64
N ASN A 34 -15.33 -4.21 11.26
CA ASN A 34 -13.97 -4.62 10.93
C ASN A 34 -13.34 -5.21 12.20
N THR A 35 -13.88 -4.86 13.37
CA THR A 35 -13.29 -5.45 14.56
C THR A 35 -14.24 -6.46 15.22
N ASN A 36 -15.12 -7.10 14.43
CA ASN A 36 -16.23 -7.85 15.02
C ASN A 36 -17.16 -8.33 13.91
N ILE A 37 -16.66 -9.07 12.91
CA ILE A 37 -17.55 -9.58 11.86
C ILE A 37 -18.66 -10.43 12.49
N THR A 38 -19.92 -9.94 12.42
CA THR A 38 -21.19 -10.57 12.81
C THR A 38 -22.20 -10.34 11.69
N THR A 39 -23.42 -10.86 11.81
CA THR A 39 -24.51 -10.39 10.93
C THR A 39 -25.11 -9.07 11.45
N GLU A 40 -25.02 -8.81 12.76
CA GLU A 40 -25.53 -7.59 13.36
C GLU A 40 -24.69 -6.42 12.84
N THR A 41 -23.44 -6.26 13.34
CA THR A 41 -22.53 -5.24 12.87
C THR A 41 -22.60 -5.17 11.33
N SER A 42 -22.69 -6.31 10.64
CA SER A 42 -22.94 -6.35 9.19
C SER A 42 -24.10 -5.44 8.74
N LYS A 43 -25.26 -5.57 9.42
CA LYS A 43 -26.49 -4.80 9.24
C LYS A 43 -26.24 -3.33 9.50
N ILE A 44 -26.03 -2.94 10.77
CA ILE A 44 -25.91 -1.55 11.19
C ILE A 44 -25.02 -0.79 10.20
N LEU A 45 -24.09 -1.51 9.54
CA LEU A 45 -23.16 -0.87 8.64
C LEU A 45 -23.79 -0.68 7.25
N LEU A 46 -24.37 -1.75 6.67
CA LEU A 46 -25.20 -1.70 5.46
C LEU A 46 -26.26 -0.61 5.63
N GLN A 47 -26.61 -0.31 6.89
CA GLN A 47 -27.54 0.73 7.27
C GLN A 47 -26.85 2.09 7.08
N LYS A 48 -25.82 2.39 7.90
CA LYS A 48 -25.11 3.66 7.86
C LYS A 48 -24.55 3.90 6.47
N ASN A 49 -24.45 2.87 5.64
CA ASN A 49 -24.09 3.01 4.23
C ASN A 49 -25.16 3.81 3.45
N MET A 50 -26.44 3.42 3.59
CA MET A 50 -27.60 4.16 3.12
C MET A 50 -27.57 5.61 3.57
N GLN A 51 -27.33 5.84 4.86
CA GLN A 51 -27.43 7.21 5.32
C GLN A 51 -26.38 8.06 4.59
N ILE A 52 -25.10 7.62 4.60
CA ILE A 52 -24.03 8.23 3.81
C ILE A 52 -24.46 8.45 2.35
N ALA A 53 -25.00 7.41 1.69
CA ALA A 53 -25.36 7.53 0.28
C ALA A 53 -26.39 8.63 0.06
N GLN A 54 -27.34 8.73 0.98
CA GLN A 54 -28.39 9.72 0.81
C GLN A 54 -27.82 11.12 1.09
N HIS A 55 -26.88 11.26 2.04
CA HIS A 55 -26.20 12.53 2.25
C HIS A 55 -25.38 12.89 1.00
N THR A 56 -24.69 11.90 0.38
CA THR A 56 -23.96 12.22 -0.83
C THR A 56 -24.93 12.65 -1.96
N LEU A 57 -26.07 11.97 -2.08
CA LEU A 57 -26.95 12.20 -3.22
C LEU A 57 -27.50 13.62 -3.14
N LYS A 58 -27.88 14.05 -1.93
CA LYS A 58 -28.50 15.35 -1.73
C LYS A 58 -27.47 16.47 -1.88
N TYR A 59 -26.30 16.41 -1.22
CA TYR A 59 -25.32 17.47 -1.42
C TYR A 59 -24.76 17.42 -2.85
N GLY A 60 -24.62 16.23 -3.42
CA GLY A 60 -24.08 16.07 -4.76
C GLY A 60 -25.04 16.58 -5.83
N THR A 61 -26.35 16.36 -5.65
CA THR A 61 -27.35 17.00 -6.51
C THR A 61 -27.26 18.53 -6.44
N GLN A 62 -27.36 19.09 -5.24
CA GLN A 62 -27.17 20.53 -5.12
C GLN A 62 -25.86 20.99 -5.78
N ALA A 63 -24.70 20.36 -5.51
CA ALA A 63 -23.45 20.83 -6.12
C ALA A 63 -23.52 20.86 -7.66
N ARG A 64 -24.24 19.92 -8.25
CA ARG A 64 -24.37 19.78 -9.71
C ARG A 64 -25.08 21.01 -10.32
N LYS A 65 -25.84 21.74 -9.48
CA LYS A 65 -26.68 22.85 -9.91
C LYS A 65 -25.89 24.14 -10.05
N PHE A 66 -24.67 24.19 -9.51
CA PHE A 66 -23.81 25.36 -9.67
C PHE A 66 -22.97 25.21 -10.93
N ASP A 67 -22.89 26.28 -11.71
CA ASP A 67 -21.98 26.30 -12.84
C ASP A 67 -20.60 26.67 -12.31
N VAL A 68 -19.74 25.66 -12.19
CA VAL A 68 -18.42 25.80 -11.61
C VAL A 68 -17.57 26.78 -12.43
N ASN A 69 -17.95 26.96 -13.71
CA ASN A 69 -17.24 27.88 -14.58
C ASN A 69 -17.22 29.27 -13.92
N GLN A 70 -18.40 29.72 -13.48
CA GLN A 70 -18.71 31.08 -13.00
C GLN A 70 -18.21 31.38 -11.59
N LEU A 71 -17.53 30.42 -10.93
CA LEU A 71 -17.06 30.62 -9.56
C LEU A 71 -15.71 31.31 -9.57
N GLN A 72 -15.60 32.27 -8.65
CA GLN A 72 -14.40 33.09 -8.60
C GLN A 72 -13.45 32.50 -7.58
N ASN A 73 -13.98 32.07 -6.42
CA ASN A 73 -13.13 31.66 -5.32
C ASN A 73 -12.54 30.30 -5.67
N THR A 74 -11.18 30.17 -5.67
CA THR A 74 -10.54 28.96 -6.16
C THR A 74 -10.83 27.78 -5.22
N THR A 75 -10.71 27.99 -3.89
CA THR A 75 -11.01 26.93 -2.91
C THR A 75 -12.43 26.39 -3.08
N ILE A 76 -13.41 27.27 -3.34
CA ILE A 76 -14.81 26.85 -3.26
C ILE A 76 -15.22 26.23 -4.59
N LYS A 77 -14.65 26.76 -5.67
CA LYS A 77 -14.68 26.11 -6.96
C LYS A 77 -14.33 24.63 -6.76
N ARG A 78 -13.16 24.37 -6.12
CA ARG A 78 -12.59 23.01 -6.03
C ARG A 78 -13.42 22.09 -5.16
N ILE A 79 -13.90 22.61 -4.01
CA ILE A 79 -14.81 21.82 -3.19
C ILE A 79 -16.05 21.42 -3.99
N ILE A 80 -16.67 22.38 -4.65
CA ILE A 80 -17.94 22.14 -5.32
C ILE A 80 -17.72 21.11 -6.44
N LYS A 81 -16.66 21.31 -7.22
CA LYS A 81 -16.34 20.38 -8.30
C LYS A 81 -16.29 18.93 -7.82
N LYS A 82 -15.54 18.67 -6.75
CA LYS A 82 -15.41 17.36 -6.11
C LYS A 82 -16.75 16.81 -5.58
N VAL A 83 -17.56 17.60 -4.85
CA VAL A 83 -18.87 17.16 -4.35
C VAL A 83 -19.83 16.75 -5.47
N GLN A 84 -19.70 17.31 -6.68
CA GLN A 84 -20.51 16.88 -7.82
C GLN A 84 -20.26 15.43 -8.24
N ASP A 85 -19.18 14.83 -7.72
CA ASP A 85 -18.90 13.43 -7.97
C ASP A 85 -19.56 12.66 -6.84
N LEU A 86 -20.64 11.95 -7.13
CA LEU A 86 -21.46 11.31 -6.13
C LEU A 86 -20.88 9.94 -5.84
N GLU A 87 -20.02 9.44 -6.76
CA GLU A 87 -19.48 8.07 -6.70
C GLU A 87 -20.64 7.09 -6.79
N ARG A 88 -20.62 6.03 -5.97
CA ARG A 88 -21.65 4.99 -5.95
C ARG A 88 -23.04 5.61 -5.70
N ALA A 89 -23.08 6.71 -4.91
CA ALA A 89 -24.39 7.29 -4.61
C ALA A 89 -25.12 7.71 -5.91
N ALA A 90 -24.44 7.60 -7.07
CA ALA A 90 -25.06 8.02 -8.33
C ALA A 90 -25.91 6.87 -8.86
N LEU A 91 -25.68 5.67 -8.34
CA LEU A 91 -26.40 4.50 -8.79
C LEU A 91 -27.87 4.61 -8.37
N PRO A 92 -28.80 4.02 -9.16
CA PRO A 92 -30.20 3.87 -8.74
C PRO A 92 -30.24 2.90 -7.57
N ALA A 93 -31.31 3.04 -6.76
CA ALA A 93 -31.47 2.42 -5.46
C ALA A 93 -31.16 0.91 -5.50
N GLN A 94 -31.69 0.26 -6.54
CA GLN A 94 -31.50 -1.18 -6.62
C GLN A 94 -30.01 -1.53 -6.73
N GLU A 95 -29.38 -1.11 -7.82
CA GLU A 95 -27.95 -1.33 -8.07
C GLU A 95 -27.11 -0.80 -6.90
N LEU A 96 -27.60 0.20 -6.15
CA LEU A 96 -26.73 0.74 -5.12
C LEU A 96 -26.61 -0.32 -4.05
N GLU A 97 -27.78 -0.92 -3.77
CA GLU A 97 -27.95 -1.97 -2.80
C GLU A 97 -27.12 -3.18 -3.23
N GLU A 98 -27.14 -3.49 -4.52
CA GLU A 98 -26.48 -4.67 -5.03
C GLU A 98 -24.97 -4.44 -4.89
N TYR A 99 -24.54 -3.27 -5.37
CA TYR A 99 -23.15 -2.90 -5.25
C TYR A 99 -22.72 -2.91 -3.78
N ASN A 100 -23.51 -2.34 -2.88
CA ASN A 100 -23.04 -2.40 -1.50
C ASN A 100 -22.88 -3.85 -1.03
N LYS A 101 -23.77 -4.74 -1.50
CA LYS A 101 -23.77 -6.11 -1.03
C LYS A 101 -22.50 -6.78 -1.56
N ILE A 102 -22.20 -6.54 -2.85
CA ILE A 102 -21.09 -7.20 -3.50
C ILE A 102 -19.76 -6.88 -2.80
N LEU A 103 -19.57 -5.63 -2.41
CA LEU A 103 -18.28 -5.25 -1.88
C LEU A 103 -18.15 -5.94 -0.52
N LEU A 104 -19.29 -5.98 0.21
CA LEU A 104 -19.30 -6.54 1.54
C LEU A 104 -18.93 -8.01 1.44
N ASP A 105 -19.59 -8.71 0.50
CA ASP A 105 -19.36 -10.12 0.25
C ASP A 105 -17.92 -10.38 -0.24
N MET A 106 -17.30 -9.49 -1.03
CA MET A 106 -15.92 -9.71 -1.46
C MET A 106 -14.97 -9.59 -0.26
N GLU A 107 -15.10 -8.53 0.56
CA GLU A 107 -14.23 -8.31 1.72
C GLU A 107 -14.27 -9.51 2.68
N THR A 108 -15.51 -9.91 3.00
CA THR A 108 -15.82 -10.95 3.95
C THR A 108 -15.23 -12.25 3.41
N THR A 109 -15.68 -12.66 2.22
CA THR A 109 -15.03 -13.81 1.60
C THR A 109 -13.52 -13.73 1.79
N TYR A 110 -12.88 -12.61 1.46
CA TYR A 110 -11.42 -12.68 1.49
C TYR A 110 -10.93 -12.88 2.93
N SER A 111 -11.65 -12.30 3.89
CA SER A 111 -11.10 -12.14 5.23
C SER A 111 -11.30 -13.40 6.05
N VAL A 112 -12.21 -14.29 5.63
CA VAL A 112 -12.57 -15.46 6.41
C VAL A 112 -12.10 -16.73 5.75
N ALA A 113 -11.49 -16.63 4.55
CA ALA A 113 -10.87 -17.76 3.88
C ALA A 113 -9.86 -18.49 4.78
N THR A 114 -9.84 -19.84 4.68
CA THR A 114 -8.88 -20.71 5.36
C THR A 114 -8.39 -21.77 4.36
N VAL A 115 -7.13 -22.17 4.50
CA VAL A 115 -6.56 -23.31 3.80
C VAL A 115 -6.39 -24.45 4.83
N CYS A 116 -7.02 -25.60 4.54
CA CYS A 116 -7.11 -26.75 5.44
C CYS A 116 -6.32 -27.91 4.84
N HIS A 117 -5.42 -28.46 5.68
CA HIS A 117 -4.92 -29.83 5.62
C HIS A 117 -6.04 -30.86 5.85
N PRO A 118 -5.99 -32.00 5.14
CA PRO A 118 -7.05 -32.99 5.23
C PRO A 118 -6.87 -33.58 6.63
N GLN A 119 -7.97 -33.72 7.37
CA GLN A 119 -7.88 -34.40 8.66
C GLN A 119 -6.78 -33.78 9.54
N GLY A 120 -6.30 -32.57 9.18
CA GLY A 120 -5.45 -31.71 9.98
C GLY A 120 -6.21 -30.42 10.31
N SER A 121 -5.53 -29.34 10.69
CA SER A 121 -6.24 -28.10 11.03
C SER A 121 -6.03 -27.01 9.96
N CYS A 122 -6.70 -25.85 10.16
CA CYS A 122 -7.05 -24.84 9.15
C CYS A 122 -6.33 -23.50 9.30
N LEU A 123 -5.52 -23.17 8.29
CA LEU A 123 -4.72 -21.95 8.31
C LEU A 123 -5.44 -20.73 7.71
N GLN A 124 -5.33 -19.65 8.46
CA GLN A 124 -5.73 -18.33 8.00
C GLN A 124 -4.54 -17.60 7.39
N LEU A 125 -4.90 -16.60 6.60
CA LEU A 125 -3.95 -15.69 6.01
C LEU A 125 -3.02 -15.08 7.08
N GLU A 126 -3.55 -14.35 8.05
CA GLU A 126 -2.69 -13.73 9.05
C GLU A 126 -3.03 -14.37 10.39
N PRO A 127 -2.07 -15.07 11.09
CA PRO A 127 -0.65 -15.05 10.73
C PRO A 127 -0.10 -16.32 10.09
N ASP A 128 -0.94 -17.35 9.90
CA ASP A 128 -0.44 -18.69 9.66
C ASP A 128 0.19 -18.79 8.28
N LEU A 129 -0.54 -18.41 7.21
CA LEU A 129 -0.05 -18.68 5.87
C LEU A 129 1.10 -17.71 5.57
N THR A 130 0.97 -16.47 6.10
CA THR A 130 2.06 -15.51 6.10
C THR A 130 3.34 -16.15 6.65
N ASN A 131 3.29 -16.73 7.85
CA ASN A 131 4.47 -17.34 8.47
C ASN A 131 5.01 -18.51 7.60
N VAL A 132 4.13 -19.35 7.02
CA VAL A 132 4.59 -20.41 6.17
C VAL A 132 5.38 -19.82 5.00
N MET A 133 4.76 -18.86 4.28
CA MET A 133 5.40 -18.18 3.18
C MET A 133 6.72 -17.55 3.60
N ALA A 134 6.79 -16.98 4.82
CA ALA A 134 7.99 -16.24 5.26
C ALA A 134 9.17 -17.14 5.57
N THR A 135 8.91 -18.34 6.12
CA THR A 135 9.99 -19.06 6.79
C THR A 135 10.18 -20.46 6.22
N SER A 136 9.16 -21.09 5.65
CA SER A 136 9.38 -22.42 5.12
C SER A 136 10.37 -22.39 3.95
N ARG A 137 11.10 -23.49 3.75
CA ARG A 137 12.17 -23.57 2.75
C ARG A 137 12.05 -24.91 2.03
N LYS A 138 10.82 -25.44 1.99
CA LYS A 138 10.44 -26.68 1.35
C LYS A 138 9.49 -26.43 0.18
N TYR A 139 10.01 -26.52 -1.04
CA TYR A 139 9.29 -26.30 -2.30
C TYR A 139 7.80 -26.72 -2.19
N GLU A 140 7.59 -27.94 -1.68
CA GLU A 140 6.27 -28.57 -1.62
C GLU A 140 5.37 -27.91 -0.58
N ASP A 141 5.96 -27.41 0.53
CA ASP A 141 5.17 -26.77 1.58
C ASP A 141 4.77 -25.37 1.12
N LEU A 142 5.72 -24.68 0.47
CA LEU A 142 5.39 -23.37 -0.10
C LEU A 142 4.26 -23.52 -1.14
N LEU A 143 4.33 -24.61 -1.92
CA LEU A 143 3.39 -24.77 -3.02
C LEU A 143 1.98 -25.01 -2.46
N TRP A 144 1.95 -25.74 -1.37
CA TRP A 144 0.73 -26.10 -0.70
C TRP A 144 0.05 -24.78 -0.26
N ALA A 145 0.84 -23.85 0.30
CA ALA A 145 0.21 -22.64 0.82
C ALA A 145 -0.18 -21.70 -0.32
N TRP A 146 0.67 -21.63 -1.36
CA TRP A 146 0.50 -20.71 -2.46
C TRP A 146 -0.73 -21.13 -3.26
N GLU A 147 -0.79 -22.40 -3.69
CA GLU A 147 -1.95 -22.91 -4.39
C GLU A 147 -3.22 -22.91 -3.51
N GLY A 148 -3.12 -23.39 -2.27
CA GLY A 148 -4.27 -23.41 -1.39
C GLY A 148 -4.94 -22.04 -1.21
N TRP A 149 -4.14 -20.99 -1.04
CA TRP A 149 -4.69 -19.64 -0.90
C TRP A 149 -5.45 -19.17 -2.16
N ARG A 150 -4.85 -19.37 -3.33
CA ARG A 150 -5.52 -19.05 -4.58
C ARG A 150 -6.82 -19.86 -4.81
N ASP A 151 -6.83 -21.12 -4.36
CA ASP A 151 -7.93 -22.06 -4.46
C ASP A 151 -9.13 -21.62 -3.60
N LYS A 152 -8.89 -21.13 -2.38
CA LYS A 152 -9.95 -20.81 -1.44
C LYS A 152 -10.25 -19.31 -1.46
N ALA A 153 -9.27 -18.38 -1.43
CA ALA A 153 -9.62 -16.96 -1.56
C ALA A 153 -9.89 -16.56 -3.01
N GLY A 154 -8.93 -16.95 -3.85
CA GLY A 154 -8.93 -16.55 -5.24
C GLY A 154 -10.26 -16.90 -5.91
N ARG A 155 -10.45 -18.22 -6.17
CA ARG A 155 -11.58 -18.83 -6.85
C ARG A 155 -12.89 -18.31 -6.22
N ALA A 156 -12.89 -18.07 -4.91
CA ALA A 156 -14.17 -17.77 -4.28
C ALA A 156 -14.62 -16.35 -4.62
N ILE A 157 -13.65 -15.47 -4.96
CA ILE A 157 -14.00 -14.13 -5.37
C ILE A 157 -14.54 -14.14 -6.80
N LEU A 158 -14.14 -15.11 -7.68
CA LEU A 158 -14.50 -15.08 -9.10
C LEU A 158 -16.01 -14.82 -9.35
N GLN A 159 -16.89 -15.27 -8.43
CA GLN A 159 -18.33 -15.25 -8.71
C GLN A 159 -18.93 -13.83 -8.67
N PHE A 160 -18.25 -12.89 -7.98
CA PHE A 160 -18.74 -11.53 -7.81
C PHE A 160 -18.07 -10.46 -8.67
N TYR A 161 -16.89 -10.74 -9.25
CA TYR A 161 -16.08 -9.75 -9.93
C TYR A 161 -16.77 -9.16 -11.16
N PRO A 162 -17.25 -9.91 -12.16
CA PRO A 162 -17.87 -9.28 -13.34
C PRO A 162 -19.02 -8.39 -12.86
N LYS A 163 -19.80 -8.83 -11.88
CA LYS A 163 -20.90 -7.94 -11.44
C LYS A 163 -20.38 -6.65 -10.80
N TYR A 164 -19.40 -6.75 -9.89
CA TYR A 164 -18.73 -5.57 -9.35
C TYR A 164 -18.23 -4.62 -10.45
N VAL A 165 -17.48 -5.15 -11.44
CA VAL A 165 -16.98 -4.40 -12.59
C VAL A 165 -18.14 -3.60 -13.23
N GLU A 166 -19.23 -4.25 -13.61
CA GLU A 166 -20.32 -3.52 -14.24
C GLU A 166 -20.84 -2.42 -13.32
N LEU A 167 -20.96 -2.69 -12.02
CA LEU A 167 -21.52 -1.62 -11.18
C LEU A 167 -20.56 -0.46 -10.95
N ILE A 168 -19.25 -0.72 -10.77
CA ILE A 168 -18.35 0.37 -10.46
C ILE A 168 -18.17 1.18 -11.74
N ASN A 169 -18.23 0.51 -12.89
CA ASN A 169 -18.24 1.20 -14.18
C ASN A 169 -19.50 2.05 -14.31
N GLN A 170 -20.66 1.46 -13.96
CA GLN A 170 -21.88 2.25 -14.15
C GLN A 170 -21.79 3.52 -13.33
N ALA A 171 -21.32 3.40 -12.10
CA ALA A 171 -21.30 4.59 -11.29
C ALA A 171 -20.33 5.65 -11.85
N ALA A 172 -19.17 5.23 -12.42
CA ALA A 172 -18.19 6.16 -12.94
C ALA A 172 -18.80 6.90 -14.15
N ARG A 173 -19.52 6.13 -15.00
CA ARG A 173 -20.19 6.72 -16.18
C ARG A 173 -21.15 7.81 -15.73
N LEU A 174 -21.96 7.52 -14.70
CA LEU A 174 -22.96 8.48 -14.25
C LEU A 174 -22.31 9.62 -13.49
N ASN A 175 -21.02 9.50 -13.16
CA ASN A 175 -20.33 10.70 -12.65
C ASN A 175 -19.55 11.42 -13.73
N GLY A 176 -19.62 10.98 -14.97
CA GLY A 176 -18.97 11.69 -16.05
C GLY A 176 -17.60 11.14 -16.49
N TYR A 177 -17.17 10.02 -15.92
CA TYR A 177 -15.92 9.41 -16.43
C TYR A 177 -16.31 8.34 -17.46
N VAL A 178 -15.30 7.71 -18.12
CA VAL A 178 -15.59 6.70 -19.14
C VAL A 178 -15.72 5.30 -18.54
N ASP A 179 -14.93 5.06 -17.48
CA ASP A 179 -15.02 3.83 -16.72
C ASP A 179 -14.32 4.07 -15.36
N ALA A 180 -14.20 3.03 -14.54
CA ALA A 180 -13.87 3.23 -13.15
C ALA A 180 -12.37 3.50 -13.03
N GLY A 181 -11.57 3.01 -14.00
CA GLY A 181 -10.12 3.20 -14.02
C GLY A 181 -9.79 4.65 -14.38
N ASP A 182 -10.55 5.17 -15.33
CA ASP A 182 -10.50 6.61 -15.64
C ASP A 182 -10.79 7.44 -14.37
N SER A 183 -11.87 7.07 -13.65
N SER A 183 -11.84 7.08 -13.61
CA SER A 183 -12.21 7.73 -12.39
CA SER A 183 -12.16 7.82 -12.39
C SER A 183 -11.04 7.71 -11.42
C SER A 183 -11.03 7.72 -11.36
N TRP A 184 -10.41 6.53 -11.24
CA TRP A 184 -9.29 6.37 -10.29
C TRP A 184 -8.09 7.22 -10.70
N ARG A 185 -7.76 7.18 -12.01
CA ARG A 185 -6.55 7.87 -12.50
C ARG A 185 -6.69 9.37 -12.25
N SER A 186 -7.95 9.85 -12.17
CA SER A 186 -8.19 11.28 -12.12
C SER A 186 -7.90 11.82 -10.72
N MET A 187 -7.71 10.96 -9.74
CA MET A 187 -7.38 11.47 -8.42
C MET A 187 -5.99 12.12 -8.45
N TYR A 188 -5.17 11.94 -9.49
CA TYR A 188 -3.88 12.62 -9.49
C TYR A 188 -3.91 13.90 -10.33
N GLU A 189 -5.04 14.21 -11.02
CA GLU A 189 -5.16 15.42 -11.86
C GLU A 189 -3.93 15.62 -12.76
N THR A 190 -3.53 14.57 -13.46
CA THR A 190 -2.26 14.60 -14.15
C THR A 190 -2.44 13.83 -15.46
N PRO A 191 -2.90 14.51 -16.53
CA PRO A 191 -3.23 13.85 -17.81
C PRO A 191 -2.11 12.99 -18.38
N SER A 192 -0.84 13.35 -18.09
CA SER A 192 0.29 12.61 -18.62
C SER A 192 0.70 11.45 -17.69
N LEU A 193 -0.18 11.06 -16.75
CA LEU A 193 0.16 10.07 -15.72
C LEU A 193 0.65 8.71 -16.26
N GLU A 194 -0.09 8.08 -17.18
CA GLU A 194 0.31 6.77 -17.67
C GLU A 194 1.74 6.82 -18.23
N GLN A 195 2.10 7.83 -18.99
CA GLN A 195 3.43 7.90 -19.56
C GLN A 195 4.41 8.24 -18.46
N ASP A 196 3.98 9.07 -17.49
CA ASP A 196 4.92 9.43 -16.45
C ASP A 196 5.35 8.15 -15.71
N LEU A 197 4.37 7.31 -15.34
CA LEU A 197 4.63 6.12 -14.57
C LEU A 197 5.48 5.20 -15.43
N GLU A 198 5.12 4.97 -16.71
CA GLU A 198 5.87 4.16 -17.67
C GLU A 198 7.35 4.59 -17.72
N ARG A 199 7.58 5.91 -17.74
CA ARG A 199 8.94 6.43 -17.82
C ARG A 199 9.67 6.04 -16.54
N LEU A 200 8.95 6.15 -15.40
CA LEU A 200 9.50 5.91 -14.07
C LEU A 200 9.91 4.46 -13.93
N PHE A 201 9.02 3.57 -14.43
CA PHE A 201 9.18 2.14 -14.39
C PHE A 201 10.41 1.71 -15.20
N GLN A 202 10.68 2.36 -16.33
CA GLN A 202 11.74 1.96 -17.25
C GLN A 202 13.05 2.36 -16.61
N GLU A 203 13.03 3.33 -15.71
CA GLU A 203 14.30 3.78 -15.20
C GLU A 203 14.85 2.81 -14.15
N LEU A 204 13.94 2.03 -13.52
CA LEU A 204 14.19 1.06 -12.47
C LEU A 204 14.53 -0.32 -13.03
N GLN A 205 14.45 -0.54 -14.34
CA GLN A 205 14.64 -1.87 -14.90
C GLN A 205 16.04 -2.42 -14.63
N PRO A 206 17.13 -1.68 -14.89
CA PRO A 206 18.47 -2.22 -14.61
C PRO A 206 18.68 -2.74 -13.20
N LEU A 207 18.25 -1.97 -12.19
CA LEU A 207 18.32 -2.45 -10.82
C LEU A 207 17.46 -3.71 -10.65
N TYR A 208 16.19 -3.68 -11.11
CA TYR A 208 15.28 -4.80 -10.94
C TYR A 208 15.78 -6.07 -11.66
N LEU A 209 16.19 -5.96 -12.94
CA LEU A 209 16.73 -7.12 -13.66
C LEU A 209 17.95 -7.66 -12.95
N ASN A 210 18.80 -6.79 -12.41
CA ASN A 210 20.02 -7.24 -11.76
C ASN A 210 19.73 -8.00 -10.47
N LEU A 211 18.76 -7.47 -9.69
CA LEU A 211 18.38 -8.14 -8.46
C LEU A 211 17.73 -9.49 -8.78
N HIS A 212 16.83 -9.54 -9.77
CA HIS A 212 16.11 -10.74 -10.17
C HIS A 212 17.10 -11.83 -10.57
N ALA A 213 18.06 -11.50 -11.45
CA ALA A 213 19.06 -12.48 -11.83
C ALA A 213 19.87 -12.99 -10.63
N TYR A 214 20.18 -12.09 -9.71
CA TYR A 214 21.07 -12.48 -8.63
C TYR A 214 20.30 -13.43 -7.71
N VAL A 215 19.01 -13.13 -7.46
CA VAL A 215 18.15 -13.91 -6.57
C VAL A 215 17.84 -15.26 -7.21
N ARG A 216 17.54 -15.24 -8.52
CA ARG A 216 17.34 -16.46 -9.30
C ARG A 216 18.51 -17.42 -9.07
N ARG A 217 19.74 -16.87 -9.13
CA ARG A 217 20.92 -17.73 -8.99
C ARG A 217 20.93 -18.32 -7.59
N ALA A 218 20.59 -17.48 -6.58
CA ALA A 218 20.56 -17.98 -5.20
C ALA A 218 19.49 -19.06 -5.04
N LEU A 219 18.30 -18.89 -5.62
CA LEU A 219 17.32 -19.95 -5.49
C LEU A 219 17.78 -21.26 -6.18
N HIS A 220 18.42 -21.12 -7.36
CA HIS A 220 18.91 -22.27 -8.05
C HIS A 220 19.78 -23.07 -7.08
N ARG A 221 20.61 -22.36 -6.29
CA ARG A 221 21.55 -23.01 -5.39
C ARG A 221 20.79 -23.73 -4.27
N HIS A 222 19.74 -23.10 -3.72
CA HIS A 222 19.02 -23.73 -2.62
C HIS A 222 18.02 -24.78 -3.09
N TYR A 223 17.29 -24.49 -4.18
CA TYR A 223 16.17 -25.37 -4.48
C TYR A 223 16.55 -26.30 -5.62
N GLY A 224 17.75 -26.07 -6.19
CA GLY A 224 18.26 -27.04 -7.16
C GLY A 224 17.90 -26.71 -8.61
N ALA A 225 18.85 -27.02 -9.49
CA ALA A 225 18.86 -26.84 -10.93
C ALA A 225 17.60 -27.41 -11.61
N GLN A 226 17.03 -28.49 -11.11
CA GLN A 226 15.87 -28.97 -11.83
C GLN A 226 14.67 -28.12 -11.45
N HIS A 227 14.81 -27.24 -10.43
CA HIS A 227 13.62 -26.43 -10.10
C HIS A 227 13.70 -25.00 -10.60
N ILE A 228 14.87 -24.55 -11.11
CA ILE A 228 15.10 -23.14 -11.40
C ILE A 228 15.77 -23.04 -12.77
N ASN A 229 15.09 -22.46 -13.75
CA ASN A 229 15.68 -22.16 -15.04
C ASN A 229 16.52 -20.89 -14.93
N LEU A 230 17.83 -20.93 -15.23
CA LEU A 230 18.66 -19.76 -14.91
C LEU A 230 18.47 -18.63 -15.90
N GLU A 231 17.64 -18.88 -16.93
CA GLU A 231 17.35 -17.89 -17.96
C GLU A 231 15.84 -17.74 -18.12
N GLY A 232 15.10 -18.09 -17.11
CA GLY A 232 13.66 -18.10 -17.29
C GLY A 232 13.07 -17.35 -16.10
N PRO A 233 11.72 -17.28 -15.95
CA PRO A 233 11.12 -16.57 -14.80
C PRO A 233 11.31 -17.35 -13.49
N ILE A 234 11.16 -16.70 -12.32
CA ILE A 234 11.31 -17.30 -11.00
C ILE A 234 9.92 -17.83 -10.59
N PRO A 235 9.79 -19.05 -10.01
CA PRO A 235 8.52 -19.57 -9.56
C PRO A 235 8.00 -18.74 -8.41
N ALA A 236 6.72 -18.35 -8.50
CA ALA A 236 6.19 -17.21 -7.77
C ALA A 236 6.04 -17.52 -6.29
N HIS A 237 6.34 -18.76 -5.86
CA HIS A 237 6.08 -19.15 -4.48
C HIS A 237 7.31 -19.19 -3.56
N LEU A 238 8.50 -18.81 -4.07
CA LEU A 238 9.83 -18.96 -3.47
C LEU A 238 10.44 -17.68 -2.90
N LEU A 239 9.68 -16.59 -2.92
CA LEU A 239 10.16 -15.26 -2.60
C LEU A 239 9.76 -14.81 -1.18
N GLY A 240 9.15 -15.69 -0.37
CA GLY A 240 9.05 -15.41 1.06
C GLY A 240 7.73 -14.67 1.38
N ASN A 241 6.95 -14.43 0.31
CA ASN A 241 5.76 -13.61 0.48
C ASN A 241 4.65 -14.21 -0.38
N MET A 242 3.41 -14.15 0.13
CA MET A 242 2.27 -14.68 -0.59
C MET A 242 2.17 -14.20 -2.05
N TRP A 243 2.49 -12.92 -2.34
CA TRP A 243 2.33 -12.39 -3.69
C TRP A 243 3.66 -12.11 -4.40
N ALA A 244 4.76 -12.50 -3.78
CA ALA A 244 6.10 -12.19 -4.29
C ALA A 244 6.25 -10.68 -4.44
N GLN A 245 5.66 -9.93 -3.51
CA GLN A 245 5.59 -8.51 -3.75
C GLN A 245 6.72 -7.85 -2.99
N THR A 246 7.17 -8.40 -1.86
CA THR A 246 8.45 -8.04 -1.25
C THR A 246 9.22 -9.35 -1.06
N TRP A 247 10.55 -9.31 -1.15
CA TRP A 247 11.34 -10.52 -1.06
C TRP A 247 12.19 -10.64 0.21
N SER A 248 12.03 -9.78 1.25
CA SER A 248 13.07 -9.71 2.30
C SER A 248 13.07 -10.93 3.21
N ASN A 249 11.99 -11.70 3.19
CA ASN A 249 12.01 -12.91 3.97
C ASN A 249 12.99 -13.92 3.43
N ILE A 250 13.50 -13.81 2.18
CA ILE A 250 14.49 -14.78 1.72
C ILE A 250 15.90 -14.20 1.77
N TYR A 251 16.04 -13.10 2.55
CA TYR A 251 17.32 -12.43 2.73
C TYR A 251 18.47 -13.42 2.92
N ASP A 252 18.23 -14.39 3.80
CA ASP A 252 19.27 -15.33 4.24
C ASP A 252 19.64 -16.35 3.16
N LEU A 253 18.83 -16.53 2.11
CA LEU A 253 19.23 -17.36 0.98
C LEU A 253 20.21 -16.61 0.07
N VAL A 254 20.19 -15.26 0.17
CA VAL A 254 20.84 -14.39 -0.79
C VAL A 254 21.87 -13.41 -0.18
N VAL A 255 22.29 -13.61 1.08
CA VAL A 255 23.23 -12.67 1.72
C VAL A 255 24.48 -12.49 0.87
N PRO A 256 24.86 -11.24 0.51
CA PRO A 256 26.09 -10.99 -0.26
C PRO A 256 27.38 -11.40 0.41
N PHE A 257 27.44 -11.12 1.70
CA PHE A 257 28.65 -11.25 2.53
C PHE A 257 28.28 -12.01 3.79
N PRO A 258 28.11 -13.34 3.72
CA PRO A 258 27.65 -14.08 4.89
C PRO A 258 28.71 -14.08 5.99
N SER A 259 29.96 -13.78 5.67
CA SER A 259 30.99 -13.74 6.70
C SER A 259 30.88 -12.46 7.54
N ALA A 260 30.03 -11.53 7.14
CA ALA A 260 29.81 -10.40 8.02
C ALA A 260 28.88 -10.83 9.15
N PRO A 261 29.14 -10.40 10.41
CA PRO A 261 28.17 -10.61 11.50
C PRO A 261 26.80 -9.98 11.19
N SER A 262 25.73 -10.65 11.59
CA SER A 262 24.36 -10.16 11.39
C SER A 262 23.40 -10.70 12.45
N MET A 263 22.39 -9.90 12.82
CA MET A 263 21.34 -10.35 13.71
C MET A 263 19.96 -10.29 13.04
N ASP A 264 19.17 -11.37 13.15
CA ASP A 264 17.78 -11.27 12.75
C ASP A 264 17.12 -10.30 13.74
N THR A 265 16.66 -9.15 13.19
CA THR A 265 16.01 -8.14 14.00
C THR A 265 14.85 -8.77 14.76
N THR A 266 14.04 -9.52 14.00
CA THR A 266 12.88 -10.27 14.46
C THR A 266 13.28 -11.17 15.63
N GLU A 267 14.40 -11.88 15.45
CA GLU A 267 14.95 -12.71 16.50
C GLU A 267 15.14 -11.85 17.77
N ALA A 268 15.70 -10.64 17.62
CA ALA A 268 16.15 -9.79 18.72
C ALA A 268 15.01 -9.04 19.42
N MET A 269 13.96 -8.67 18.68
CA MET A 269 12.80 -7.97 19.23
C MET A 269 12.13 -8.90 20.25
N LEU A 270 12.12 -10.20 19.87
CA LEU A 270 11.43 -11.28 20.58
C LEU A 270 12.09 -11.53 21.94
N LYS A 271 13.42 -11.76 21.93
CA LYS A 271 14.36 -11.77 23.06
C LYS A 271 14.14 -10.61 24.03
N GLN A 272 14.05 -9.37 23.53
CA GLN A 272 14.00 -8.18 24.39
C GLN A 272 12.57 -7.87 24.80
N GLY A 273 11.64 -8.77 24.44
CA GLY A 273 10.26 -8.68 24.90
C GLY A 273 9.52 -7.46 24.38
N TRP A 274 9.72 -7.10 23.10
CA TRP A 274 8.96 -6.06 22.43
C TRP A 274 7.52 -6.50 22.29
N THR A 275 6.57 -5.56 22.39
CA THR A 275 5.15 -5.83 22.15
C THR A 275 4.66 -4.96 20.99
N PRO A 276 3.46 -5.21 20.42
CA PRO A 276 2.88 -4.21 19.51
C PRO A 276 2.86 -2.80 20.10
N ARG A 277 2.51 -2.69 21.39
CA ARG A 277 2.45 -1.38 21.99
C ARG A 277 3.79 -0.65 21.83
N ARG A 278 4.88 -1.40 22.02
CA ARG A 278 6.21 -0.79 21.97
C ARG A 278 6.49 -0.32 20.55
N MET A 279 6.13 -1.15 19.54
CA MET A 279 6.29 -0.82 18.12
C MET A 279 5.63 0.49 17.75
N PHE A 280 4.40 0.73 18.25
CA PHE A 280 3.70 1.97 17.95
C PHE A 280 4.27 3.11 18.77
N LYS A 281 4.65 2.83 20.02
CA LYS A 281 5.31 3.85 20.84
C LYS A 281 6.59 4.30 20.16
N GLU A 282 7.42 3.36 19.65
CA GLU A 282 8.59 3.76 18.88
C GLU A 282 8.27 4.64 17.68
N ALA A 283 7.23 4.27 16.92
CA ALA A 283 6.83 5.04 15.76
C ALA A 283 6.38 6.47 16.16
N ASP A 284 5.48 6.61 17.16
CA ASP A 284 5.12 7.90 17.73
C ASP A 284 6.36 8.67 18.13
N ASP A 285 7.34 8.00 18.76
CA ASP A 285 8.51 8.75 19.18
C ASP A 285 9.23 9.29 17.94
N PHE A 286 9.20 8.51 16.83
CA PHE A 286 9.93 8.99 15.69
C PHE A 286 9.23 10.23 15.14
N PHE A 287 7.91 10.13 14.95
CA PHE A 287 7.14 11.29 14.55
C PHE A 287 7.49 12.47 15.48
N THR A 288 7.30 12.36 16.81
CA THR A 288 7.52 13.58 17.61
C THR A 288 8.98 14.07 17.57
N SER A 289 9.97 13.19 17.32
CA SER A 289 11.36 13.61 17.27
C SER A 289 11.58 14.66 16.18
N LEU A 290 10.73 14.61 15.14
CA LEU A 290 10.81 15.54 14.00
C LEU A 290 9.99 16.80 14.30
N GLY A 291 9.36 16.89 15.48
CA GLY A 291 8.55 18.09 15.66
C GLY A 291 7.11 17.93 15.13
N LEU A 292 6.73 16.71 14.65
CA LEU A 292 5.39 16.35 14.19
C LEU A 292 4.45 16.11 15.36
N LEU A 293 3.15 15.88 15.05
CA LEU A 293 2.13 15.71 16.08
C LEU A 293 2.22 14.32 16.71
N PRO A 294 2.02 14.24 18.05
CA PRO A 294 1.76 12.95 18.71
C PRO A 294 0.34 12.47 18.42
N VAL A 295 0.13 11.15 18.49
CA VAL A 295 -1.26 10.76 18.50
C VAL A 295 -1.88 11.14 19.85
N PRO A 296 -3.19 11.52 19.89
CA PRO A 296 -3.90 11.85 21.14
C PRO A 296 -3.94 10.60 22.01
N PRO A 297 -4.08 10.78 23.36
CA PRO A 297 -4.43 9.68 24.30
C PRO A 297 -5.54 8.70 23.90
N GLU A 298 -6.61 9.25 23.31
CA GLU A 298 -7.71 8.45 22.78
C GLU A 298 -7.20 7.33 21.87
N PHE A 299 -6.19 7.63 21.02
CA PHE A 299 -5.63 6.66 20.07
C PHE A 299 -5.16 5.39 20.77
N TRP A 300 -4.50 5.52 21.94
CA TRP A 300 -4.06 4.36 22.68
C TRP A 300 -5.24 3.64 23.33
N GLN A 301 -6.25 4.38 23.85
CA GLN A 301 -7.43 3.72 24.40
C GLN A 301 -8.12 2.96 23.29
N LYS A 302 -8.23 3.57 22.10
CA LYS A 302 -9.24 3.02 21.21
C LYS A 302 -8.68 2.09 20.15
N SER A 303 -7.36 2.16 19.81
CA SER A 303 -6.85 1.34 18.71
C SER A 303 -6.87 -0.14 19.07
N MET A 304 -6.90 -1.00 18.04
CA MET A 304 -6.73 -2.42 18.14
C MET A 304 -5.39 -2.78 17.50
N LEU A 305 -4.34 -2.93 18.33
CA LEU A 305 -2.97 -3.08 17.87
C LEU A 305 -2.51 -4.55 17.93
N GLU A 306 -3.37 -5.46 18.41
CA GLU A 306 -3.14 -6.89 18.27
C GLU A 306 -4.43 -7.63 17.92
N LYS A 307 -4.32 -8.76 17.21
CA LYS A 307 -5.43 -9.67 16.98
C LYS A 307 -6.06 -9.98 18.33
N PRO A 308 -7.35 -9.68 18.61
CA PRO A 308 -7.82 -9.80 19.99
C PRO A 308 -7.99 -11.32 20.13
N THR A 309 -8.14 -11.79 21.37
CA THR A 309 -8.00 -13.19 21.71
C THR A 309 -9.37 -13.92 21.67
N ASP A 310 -10.52 -13.20 21.83
CA ASP A 310 -11.84 -13.73 22.21
C ASP A 310 -12.71 -14.10 21.01
N GLY A 311 -12.21 -15.02 20.16
CA GLY A 311 -12.82 -15.67 19.00
C GLY A 311 -13.79 -14.82 18.16
N ARG A 312 -13.27 -13.88 17.33
CA ARG A 312 -14.03 -12.79 16.69
C ARG A 312 -14.36 -13.03 15.20
N VAL A 314 -12.84 -10.71 12.96
CA VAL A 314 -12.01 -9.47 12.73
C VAL A 314 -11.35 -9.50 11.34
N VAL A 315 -11.16 -8.25 10.81
CA VAL A 315 -10.44 -7.95 9.58
C VAL A 315 -9.02 -7.58 9.97
N CYS A 316 -8.06 -8.39 9.48
CA CYS A 316 -6.71 -8.37 10.02
C CYS A 316 -5.79 -7.45 9.21
N HIS A 317 -6.17 -7.22 7.94
CA HIS A 317 -5.39 -6.29 7.12
C HIS A 317 -5.19 -4.97 7.87
N ALA A 318 -3.93 -4.57 8.07
CA ALA A 318 -3.63 -3.34 8.78
C ALA A 318 -4.23 -2.12 8.06
N SER A 319 -4.90 -1.26 8.84
CA SER A 319 -5.42 -0.03 8.27
C SER A 319 -5.43 1.10 9.31
N ALA A 320 -5.35 2.35 8.83
CA ALA A 320 -5.50 3.54 9.64
C ALA A 320 -6.91 4.16 9.49
N TRP A 321 -7.39 4.80 10.56
CA TRP A 321 -8.77 5.26 10.67
C TRP A 321 -8.91 6.74 11.12
N ASP A 322 -9.52 7.52 10.22
CA ASP A 322 -10.00 8.84 10.54
C ASP A 322 -11.53 8.80 10.69
N PHE A 323 -11.96 9.40 11.80
CA PHE A 323 -13.30 9.32 12.35
C PHE A 323 -14.00 10.65 12.14
N TYR A 324 -13.24 11.63 11.60
CA TYR A 324 -13.74 12.86 10.99
C TYR A 324 -14.19 13.91 12.02
N ASN A 325 -13.66 13.89 13.24
CA ASN A 325 -13.97 14.97 14.17
C ASN A 325 -12.69 15.57 14.69
N GLY A 326 -11.59 15.29 14.00
CA GLY A 326 -10.31 15.88 14.39
C GLY A 326 -9.86 15.49 15.79
N LYS A 327 -10.41 14.42 16.43
CA LYS A 327 -9.90 14.01 17.75
C LYS A 327 -9.76 12.49 17.80
N ASP A 328 -10.56 11.81 17.01
CA ASP A 328 -10.49 10.37 17.10
C ASP A 328 -9.80 9.78 15.85
N PHE A 329 -8.61 9.21 16.06
CA PHE A 329 -7.87 8.51 15.04
C PHE A 329 -7.41 7.18 15.63
N ARG A 330 -7.28 6.17 14.78
CA ARG A 330 -7.04 4.83 15.29
C ARG A 330 -6.36 4.02 14.21
N ILE A 331 -5.72 2.93 14.68
CA ILE A 331 -5.19 1.87 13.85
C ILE A 331 -5.78 0.54 14.28
N LYS A 332 -6.00 -0.32 13.29
CA LYS A 332 -6.49 -1.67 13.45
C LYS A 332 -5.52 -2.58 12.72
N GLN A 333 -4.63 -3.19 13.52
CA GLN A 333 -3.60 -4.09 13.01
C GLN A 333 -3.44 -5.31 13.92
N CYS A 334 -3.39 -6.48 13.32
CA CYS A 334 -3.09 -7.73 14.00
C CYS A 334 -1.55 -7.89 14.01
N THR A 335 -0.82 -7.08 14.81
CA THR A 335 0.63 -6.96 14.75
C THR A 335 1.31 -8.28 15.19
N THR A 336 2.23 -8.79 14.37
CA THR A 336 3.23 -9.78 14.73
C THR A 336 4.45 -8.99 15.19
N VAL A 337 5.23 -9.55 16.13
CA VAL A 337 6.40 -8.84 16.60
C VAL A 337 7.58 -9.25 15.70
N ASN A 338 7.72 -8.55 14.55
CA ASN A 338 8.85 -8.68 13.64
C ASN A 338 9.24 -7.30 13.05
N LEU A 339 10.30 -7.28 12.22
CA LEU A 339 10.75 -6.07 11.58
C LEU A 339 9.68 -5.58 10.58
N GLU A 340 9.28 -6.47 9.67
CA GLU A 340 8.19 -6.32 8.73
C GLU A 340 6.98 -5.62 9.38
N ASP A 341 6.42 -6.10 10.50
CA ASP A 341 5.31 -5.38 11.09
C ASP A 341 5.72 -4.04 11.71
N LEU A 342 7.02 -3.87 12.05
CA LEU A 342 7.48 -2.62 12.63
C LEU A 342 7.45 -1.52 11.55
N VAL A 343 7.81 -1.91 10.31
CA VAL A 343 7.74 -1.04 9.16
C VAL A 343 6.26 -0.72 8.90
N VAL A 344 5.40 -1.74 8.89
CA VAL A 344 3.95 -1.59 8.68
C VAL A 344 3.39 -0.59 9.71
N ALA A 345 3.73 -0.76 10.99
CA ALA A 345 3.30 0.19 11.99
C ALA A 345 3.68 1.60 11.57
N HIS A 346 4.89 1.79 10.98
CA HIS A 346 5.32 3.14 10.65
C HIS A 346 4.43 3.67 9.53
N HIS A 347 4.19 2.80 8.53
CA HIS A 347 3.34 3.05 7.40
C HIS A 347 1.98 3.56 7.87
N GLU A 348 1.30 2.79 8.71
CA GLU A 348 -0.01 3.17 9.21
C GLU A 348 0.12 4.46 10.02
N MET A 349 1.23 4.62 10.74
CA MET A 349 1.37 5.79 11.62
C MET A 349 1.48 7.08 10.78
N GLY A 350 2.12 7.00 9.59
CA GLY A 350 2.15 8.09 8.65
C GLY A 350 0.78 8.44 8.10
N HIS A 351 -0.11 7.47 7.86
CA HIS A 351 -1.49 7.86 7.48
C HIS A 351 -2.18 8.66 8.61
N ILE A 352 -2.01 8.22 9.85
CA ILE A 352 -2.56 8.86 11.05
C ILE A 352 -2.00 10.29 11.14
N GLN A 353 -0.71 10.41 10.77
CA GLN A 353 -0.06 11.69 10.92
C GLN A 353 -0.68 12.66 9.94
N TYR A 354 -1.05 12.16 8.74
CA TYR A 354 -1.61 13.03 7.70
C TYR A 354 -3.01 13.49 8.13
N PHE A 355 -3.78 12.58 8.70
CA PHE A 355 -5.12 12.86 9.21
C PHE A 355 -5.07 14.02 10.18
N MET A 356 -4.07 14.03 11.05
CA MET A 356 -4.00 15.04 12.09
C MET A 356 -3.55 16.42 11.55
N GLN A 357 -2.59 16.39 10.62
CA GLN A 357 -2.08 17.59 9.98
C GLN A 357 -3.17 18.27 9.17
N TYR A 358 -4.09 17.49 8.55
CA TYR A 358 -5.05 18.18 7.69
C TYR A 358 -6.44 18.26 8.36
N LYS A 359 -6.54 18.06 9.68
CA LYS A 359 -7.83 17.92 10.37
C LYS A 359 -8.73 19.17 10.29
N ASP A 360 -8.16 20.35 9.98
CA ASP A 360 -8.83 21.64 9.97
C ASP A 360 -9.22 22.12 8.57
N LEU A 361 -8.83 21.42 7.51
CA LEU A 361 -9.32 21.77 6.19
C LEU A 361 -10.80 21.37 6.11
N PRO A 362 -11.62 21.95 5.19
CA PRO A 362 -12.88 21.28 4.79
C PRO A 362 -12.67 19.81 4.36
N VAL A 363 -13.67 18.96 4.70
CA VAL A 363 -13.58 17.53 4.59
C VAL A 363 -13.26 17.16 3.15
N ALA A 364 -13.78 17.94 2.19
CA ALA A 364 -13.65 17.53 0.81
C ALA A 364 -12.18 17.58 0.42
N LEU A 365 -11.42 18.22 1.29
CA LEU A 365 -10.07 18.58 0.92
C LEU A 365 -9.18 17.83 1.89
N ARG A 366 -9.77 16.85 2.64
CA ARG A 366 -8.98 16.00 3.54
C ARG A 366 -8.51 14.69 2.87
N GLU A 367 -7.43 14.83 2.13
CA GLU A 367 -6.82 13.73 1.38
C GLU A 367 -5.39 14.12 1.14
N GLY A 368 -4.62 13.20 0.59
CA GLY A 368 -3.21 13.48 0.34
C GLY A 368 -3.12 14.42 -0.84
N ALA A 369 -1.98 15.08 -0.99
CA ALA A 369 -1.83 15.92 -2.15
C ALA A 369 -2.20 15.11 -3.40
N ASN A 370 -1.75 13.84 -3.37
CA ASN A 370 -2.22 12.78 -4.25
C ASN A 370 -2.19 11.52 -3.40
N PRO A 371 -2.84 10.40 -3.79
CA PRO A 371 -2.89 9.19 -2.95
C PRO A 371 -1.50 8.65 -2.69
N GLY A 372 -0.60 8.71 -3.69
CA GLY A 372 0.80 8.39 -3.45
C GLY A 372 1.38 9.13 -2.25
N PHE A 373 0.97 10.40 -2.04
CA PHE A 373 1.58 11.12 -0.90
C PHE A 373 1.16 10.54 0.44
N HIS A 374 -0.10 10.06 0.50
CA HIS A 374 -0.67 9.55 1.74
C HIS A 374 0.11 8.28 2.13
N GLU A 375 0.57 7.52 1.10
CA GLU A 375 1.19 6.22 1.25
C GLU A 375 2.66 6.44 1.61
N ALA A 376 3.23 7.58 1.26
CA ALA A 376 4.68 7.68 1.43
C ALA A 376 5.14 8.15 2.81
N ILE A 377 4.36 8.97 3.55
CA ILE A 377 4.83 9.53 4.84
C ILE A 377 5.41 8.45 5.77
N GLY A 378 4.59 7.46 6.17
CA GLY A 378 5.16 6.51 7.09
C GLY A 378 6.42 5.88 6.52
N ASP A 379 6.41 5.61 5.21
CA ASP A 379 7.55 4.90 4.64
C ASP A 379 8.86 5.66 4.74
N VAL A 380 8.81 6.97 4.49
CA VAL A 380 9.98 7.82 4.62
C VAL A 380 10.65 7.64 5.98
N LEU A 381 9.89 7.78 7.08
CA LEU A 381 10.51 7.64 8.39
C LEU A 381 11.11 6.24 8.52
N ALA A 382 10.32 5.26 8.07
CA ALA A 382 10.81 3.89 8.26
C ALA A 382 12.11 3.60 7.49
N LEU A 383 12.52 4.47 6.54
CA LEU A 383 13.75 4.14 5.85
C LEU A 383 14.92 4.47 6.80
N SER A 384 14.68 5.46 7.67
CA SER A 384 15.63 5.89 8.68
C SER A 384 15.71 4.83 9.77
N VAL A 385 14.53 4.24 10.09
CA VAL A 385 14.41 3.34 11.22
C VAL A 385 15.24 2.11 10.86
N SER A 386 15.40 1.86 9.57
CA SER A 386 15.82 0.57 9.13
C SER A 386 17.33 0.60 9.02
N THR A 387 17.90 1.76 9.29
CA THR A 387 19.35 1.84 9.11
C THR A 387 19.98 1.04 10.24
N PRO A 388 21.13 0.42 9.92
CA PRO A 388 21.86 -0.33 10.94
C PRO A 388 22.06 0.52 12.19
N LYS A 389 22.52 1.76 12.01
CA LYS A 389 22.76 2.68 13.10
C LYS A 389 21.50 2.82 14.00
N HIS A 390 20.34 3.13 13.40
CA HIS A 390 19.11 3.33 14.16
C HIS A 390 18.73 2.04 14.90
N LEU A 391 18.86 0.90 14.21
CA LEU A 391 18.53 -0.40 14.82
C LEU A 391 19.49 -0.75 15.96
N HIS A 392 20.82 -0.55 15.78
CA HIS A 392 21.76 -0.58 16.89
C HIS A 392 21.23 0.20 18.08
N SER A 393 20.73 1.40 17.84
CA SER A 393 20.38 2.23 18.97
C SER A 393 19.05 1.75 19.57
N LEU A 394 18.38 0.84 18.87
CA LEU A 394 17.16 0.29 19.43
C LEU A 394 17.55 -0.96 20.21
N ASN A 395 18.87 -1.19 20.36
CA ASN A 395 19.34 -2.44 20.94
C ASN A 395 18.82 -3.68 20.15
N LEU A 396 18.75 -3.62 18.79
CA LEU A 396 18.18 -4.69 17.98
C LEU A 396 19.25 -5.18 17.01
N LEU A 397 20.43 -4.61 17.12
CA LEU A 397 21.51 -5.09 16.28
C LEU A 397 22.81 -4.76 17.03
N SER A 398 23.92 -5.40 16.67
CA SER A 398 25.23 -5.28 17.33
C SER A 398 26.05 -4.09 16.83
N SER A 399 25.87 -3.74 15.52
CA SER A 399 26.57 -2.74 14.72
C SER A 399 27.97 -2.43 15.26
N GLY A 402 29.66 -0.52 10.01
CA GLY A 402 31.01 -0.14 9.52
C GLY A 402 31.20 -0.29 8.00
N SER A 403 31.65 -1.48 7.56
CA SER A 403 32.42 -1.69 6.34
C SER A 403 31.62 -1.57 5.04
N ASP A 404 32.34 -1.80 3.92
CA ASP A 404 31.76 -1.85 2.58
C ASP A 404 30.89 -3.09 2.51
N GLU A 405 31.38 -4.17 3.12
CA GLU A 405 30.65 -5.41 3.24
C GLU A 405 29.30 -5.16 3.93
N HIS A 406 29.30 -4.60 5.16
CA HIS A 406 28.07 -4.43 5.92
C HIS A 406 27.04 -3.63 5.12
N ASP A 407 27.54 -2.63 4.38
CA ASP A 407 26.77 -1.71 3.56
C ASP A 407 25.95 -2.44 2.49
N ILE A 408 26.67 -3.17 1.60
CA ILE A 408 26.09 -3.97 0.53
C ILE A 408 25.01 -4.90 1.11
N ASN A 409 25.31 -5.53 2.24
CA ASN A 409 24.35 -6.44 2.87
C ASN A 409 23.04 -5.69 3.18
N PHE A 410 23.20 -4.54 3.85
CA PHE A 410 22.14 -3.62 4.21
C PHE A 410 21.39 -3.17 2.95
N LEU A 411 22.09 -2.70 1.93
CA LEU A 411 21.41 -2.26 0.73
C LEU A 411 20.65 -3.43 0.11
N MET A 412 21.11 -4.67 0.31
CA MET A 412 20.47 -5.82 -0.30
C MET A 412 19.15 -6.16 0.45
N LYS A 413 19.17 -6.06 1.78
CA LYS A 413 17.98 -6.15 2.61
C LYS A 413 16.94 -5.13 2.14
N MET A 414 17.37 -3.87 1.96
CA MET A 414 16.45 -2.83 1.52
C MET A 414 15.89 -3.14 0.13
N ALA A 415 16.78 -3.61 -0.78
CA ALA A 415 16.42 -3.81 -2.18
C ALA A 415 15.40 -4.95 -2.29
N LEU A 416 15.49 -5.94 -1.42
CA LEU A 416 14.52 -7.01 -1.44
C LEU A 416 13.12 -6.48 -1.06
N ASP A 417 13.03 -5.35 -0.34
CA ASP A 417 11.74 -4.72 -0.10
C ASP A 417 11.33 -3.72 -1.18
N LYS A 418 12.19 -2.78 -1.53
CA LYS A 418 11.78 -1.62 -2.30
C LYS A 418 11.82 -1.91 -3.79
N ILE A 419 12.91 -2.49 -4.29
CA ILE A 419 13.11 -2.61 -5.72
C ILE A 419 12.15 -3.69 -6.18
N ALA A 420 12.08 -4.79 -5.41
CA ALA A 420 11.28 -5.92 -5.88
C ALA A 420 9.81 -5.56 -6.05
N PHE A 421 9.28 -4.63 -5.22
CA PHE A 421 7.89 -4.26 -5.21
C PHE A 421 7.57 -3.35 -6.40
N ILE A 422 8.59 -2.67 -6.93
CA ILE A 422 8.35 -1.73 -8.02
C ILE A 422 7.50 -2.39 -9.11
N PRO A 423 7.90 -3.50 -9.81
CA PRO A 423 7.02 -4.12 -10.80
C PRO A 423 5.69 -4.64 -10.23
N PHE A 424 5.69 -5.05 -8.95
CA PHE A 424 4.43 -5.58 -8.47
C PHE A 424 3.43 -4.42 -8.45
N SER A 425 3.85 -3.32 -7.83
CA SER A 425 2.96 -2.23 -7.52
C SER A 425 2.53 -1.57 -8.83
N TYR A 426 3.38 -1.70 -9.84
CA TYR A 426 3.05 -1.17 -11.14
C TYR A 426 1.98 -2.02 -11.85
N LEU A 427 2.00 -3.36 -11.71
CA LEU A 427 1.21 -4.21 -12.58
C LEU A 427 -0.27 -4.33 -12.17
N VAL A 428 -0.56 -4.22 -10.86
CA VAL A 428 -1.91 -4.39 -10.35
C VAL A 428 -2.96 -3.57 -11.11
N ASP A 429 -2.81 -2.25 -11.14
CA ASP A 429 -3.81 -1.37 -11.75
C ASP A 429 -3.67 -1.41 -13.28
N GLN A 430 -2.51 -1.90 -13.77
CA GLN A 430 -2.43 -2.07 -15.21
C GLN A 430 -3.46 -3.12 -15.59
N TRP A 431 -3.51 -4.18 -14.77
CA TRP A 431 -4.51 -5.21 -14.97
C TRP A 431 -5.88 -4.58 -14.76
N ARG A 432 -6.10 -3.87 -13.61
CA ARG A 432 -7.47 -3.44 -13.30
C ARG A 432 -7.93 -2.39 -14.32
N TRP A 433 -7.00 -1.53 -14.79
CA TRP A 433 -7.41 -0.49 -15.75
C TRP A 433 -8.01 -1.11 -17.00
N ARG A 434 -7.46 -2.26 -17.39
CA ARG A 434 -7.84 -2.96 -18.61
C ARG A 434 -9.12 -3.75 -18.41
N VAL A 435 -9.35 -4.15 -17.16
CA VAL A 435 -10.58 -4.84 -16.83
C VAL A 435 -11.71 -3.81 -16.89
N PHE A 436 -11.46 -2.64 -16.29
CA PHE A 436 -12.43 -1.54 -16.23
C PHE A 436 -12.83 -1.02 -17.62
N ASP A 437 -11.83 -0.82 -18.53
CA ASP A 437 -12.07 -0.30 -19.88
C ASP A 437 -12.51 -1.40 -20.84
N GLY A 438 -12.53 -2.67 -20.42
CA GLY A 438 -13.16 -3.73 -21.18
C GLY A 438 -12.24 -4.36 -22.24
N SER A 439 -10.92 -4.16 -22.20
CA SER A 439 -9.94 -4.88 -23.03
C SER A 439 -9.68 -6.31 -22.49
N ILE A 440 -9.84 -6.51 -21.17
CA ILE A 440 -9.88 -7.80 -20.48
C ILE A 440 -11.30 -8.08 -19.96
N THR A 441 -11.77 -9.32 -20.24
CA THR A 441 -13.08 -9.83 -19.89
C THR A 441 -12.90 -11.02 -18.95
N LYS A 442 -14.04 -11.49 -18.41
CA LYS A 442 -13.98 -12.64 -17.52
C LYS A 442 -13.46 -13.88 -18.23
N GLU A 443 -13.40 -13.96 -19.57
CA GLU A 443 -12.86 -15.13 -20.22
C GLU A 443 -11.33 -15.08 -20.12
N ASN A 444 -10.81 -13.91 -19.73
CA ASN A 444 -9.43 -13.54 -19.84
C ASN A 444 -8.75 -13.13 -18.53
N TYR A 445 -9.53 -12.90 -17.45
CA TYR A 445 -8.99 -12.34 -16.22
C TYR A 445 -7.58 -12.86 -15.90
N ASN A 446 -7.45 -14.17 -15.77
CA ASN A 446 -6.35 -14.79 -15.08
C ASN A 446 -5.16 -14.83 -16.03
N GLN A 447 -5.40 -15.30 -17.26
CA GLN A 447 -4.35 -15.32 -18.27
C GLN A 447 -3.70 -13.93 -18.40
N GLU A 448 -4.48 -12.87 -18.27
CA GLU A 448 -3.88 -11.55 -18.52
C GLU A 448 -3.18 -11.06 -17.24
N TRP A 449 -3.61 -11.64 -16.11
CA TRP A 449 -2.94 -11.40 -14.85
C TRP A 449 -1.55 -12.04 -14.96
N TRP A 450 -1.48 -13.23 -15.51
CA TRP A 450 -0.21 -13.92 -15.67
C TRP A 450 0.71 -13.28 -16.70
N SER A 451 0.15 -12.67 -17.76
CA SER A 451 1.01 -11.99 -18.72
C SER A 451 1.80 -10.89 -18.02
N LEU A 452 1.11 -10.19 -17.11
CA LEU A 452 1.72 -9.03 -16.48
C LEU A 452 2.77 -9.44 -15.44
N ARG A 453 2.47 -10.51 -14.68
CA ARG A 453 3.33 -11.09 -13.65
C ARG A 453 4.66 -11.51 -14.31
N LEU A 454 4.55 -12.21 -15.45
CA LEU A 454 5.66 -12.60 -16.29
C LEU A 454 6.38 -11.36 -16.88
N LYS A 455 5.68 -10.44 -17.54
CA LYS A 455 6.40 -9.42 -18.26
C LYS A 455 7.05 -8.38 -17.31
N TYR A 456 6.37 -7.96 -16.26
CA TYR A 456 6.92 -6.99 -15.32
C TYR A 456 7.82 -7.66 -14.30
N GLN A 457 7.31 -8.74 -13.64
CA GLN A 457 8.01 -9.28 -12.47
C GLN A 457 8.94 -10.41 -12.82
N GLY A 458 8.80 -11.04 -14.02
CA GLY A 458 9.61 -12.22 -14.38
C GLY A 458 9.33 -13.44 -13.46
N LEU A 459 8.04 -13.68 -13.16
CA LEU A 459 7.63 -14.82 -12.32
C LEU A 459 6.74 -15.75 -13.16
N CYS A 460 6.68 -17.03 -12.75
N CYS A 460 6.68 -17.04 -12.81
CA CYS A 460 5.77 -18.01 -13.34
CA CYS A 460 5.71 -17.96 -13.42
C CYS A 460 4.99 -18.67 -12.21
C CYS A 460 5.00 -18.66 -12.26
N PRO A 461 3.75 -19.14 -12.47
CA PRO A 461 2.99 -19.82 -11.43
C PRO A 461 3.68 -21.16 -11.18
N PRO A 462 3.86 -21.65 -9.92
CA PRO A 462 4.43 -22.97 -9.73
C PRO A 462 3.54 -24.13 -10.21
N VAL A 463 2.22 -23.90 -10.36
CA VAL A 463 1.22 -24.88 -10.79
C VAL A 463 0.49 -24.28 -11.98
N PRO A 464 0.26 -24.97 -13.11
CA PRO A 464 -0.56 -24.39 -14.17
C PRO A 464 -1.93 -23.92 -13.65
N ARG A 465 -2.36 -22.76 -14.14
CA ARG A 465 -3.65 -22.21 -13.76
C ARG A 465 -4.72 -22.80 -14.69
N THR A 466 -5.95 -22.90 -14.18
CA THR A 466 -7.02 -23.45 -15.01
C THR A 466 -8.20 -22.49 -14.92
N GLN A 467 -9.07 -22.61 -15.91
CA GLN A 467 -10.29 -21.81 -15.92
C GLN A 467 -10.94 -22.09 -14.59
N GLY A 468 -11.48 -21.04 -14.00
CA GLY A 468 -11.90 -21.29 -12.64
C GLY A 468 -10.92 -20.59 -11.68
N ASP A 469 -9.64 -20.41 -12.03
CA ASP A 469 -8.75 -19.67 -11.15
C ASP A 469 -8.98 -18.16 -11.33
N PHE A 470 -8.85 -17.39 -10.25
CA PHE A 470 -8.85 -15.92 -10.30
C PHE A 470 -7.84 -15.46 -9.25
N ASP A 471 -6.54 -15.59 -9.60
CA ASP A 471 -5.45 -15.21 -8.73
C ASP A 471 -5.60 -13.74 -8.24
N PRO A 472 -6.06 -12.77 -9.06
CA PRO A 472 -6.21 -11.41 -8.55
C PRO A 472 -7.07 -11.31 -7.30
N GLY A 473 -8.13 -12.12 -7.23
CA GLY A 473 -8.95 -12.02 -6.04
C GLY A 473 -8.19 -12.56 -4.82
N ALA A 474 -6.96 -13.06 -5.02
CA ALA A 474 -6.23 -13.55 -3.87
C ALA A 474 -5.35 -12.46 -3.23
N LYS A 475 -5.46 -11.23 -3.75
CA LYS A 475 -4.75 -10.10 -3.19
C LYS A 475 -5.77 -9.11 -2.67
N PHE A 476 -5.58 -8.68 -1.42
CA PHE A 476 -6.55 -7.93 -0.61
C PHE A 476 -7.27 -6.83 -1.38
N HIS A 477 -6.52 -5.90 -1.96
CA HIS A 477 -6.95 -4.68 -2.61
C HIS A 477 -7.87 -4.95 -3.80
N ILE A 478 -7.89 -6.21 -4.27
CA ILE A 478 -8.73 -6.48 -5.42
C ILE A 478 -10.17 -6.64 -4.89
N PRO A 479 -10.47 -7.60 -4.00
CA PRO A 479 -11.79 -7.68 -3.41
C PRO A 479 -12.26 -6.44 -2.64
N SER A 480 -11.33 -5.70 -2.04
CA SER A 480 -11.70 -4.54 -1.23
C SER A 480 -11.81 -3.31 -2.10
N SER A 481 -11.47 -3.43 -3.39
CA SER A 481 -11.59 -2.32 -4.32
C SER A 481 -10.78 -1.12 -3.83
N VAL A 482 -9.51 -1.31 -3.54
CA VAL A 482 -8.67 -0.20 -3.13
C VAL A 482 -7.64 0.00 -4.24
N PRO A 483 -7.49 1.21 -4.82
CA PRO A 483 -6.57 1.40 -5.95
C PRO A 483 -5.11 1.14 -5.54
N TYR A 484 -4.29 0.68 -6.47
CA TYR A 484 -2.99 0.18 -6.08
C TYR A 484 -1.86 1.05 -6.63
N ILE A 485 -2.06 1.82 -7.69
CA ILE A 485 -0.93 2.54 -8.29
C ILE A 485 -0.32 3.49 -7.24
N ARG A 486 -1.14 3.96 -6.28
CA ARG A 486 -0.67 4.75 -5.16
C ARG A 486 0.67 4.21 -4.61
N TYR A 487 0.82 2.89 -4.49
CA TYR A 487 1.96 2.33 -3.81
C TYR A 487 3.17 2.40 -4.76
N PHE A 488 2.90 2.45 -6.08
CA PHE A 488 4.05 2.58 -6.97
C PHE A 488 4.61 4.01 -6.82
N VAL A 489 3.69 5.00 -6.78
CA VAL A 489 4.04 6.40 -6.68
C VAL A 489 4.80 6.57 -5.35
N SER A 490 4.24 6.00 -4.28
CA SER A 490 4.87 5.98 -2.97
C SER A 490 6.36 5.57 -3.01
N PHE A 491 6.66 4.41 -3.58
CA PHE A 491 7.99 3.81 -3.58
C PHE A 491 8.99 4.71 -4.30
N ILE A 492 8.58 5.37 -5.41
CA ILE A 492 9.43 6.38 -6.03
C ILE A 492 9.60 7.63 -5.16
N ILE A 493 8.49 8.17 -4.62
CA ILE A 493 8.56 9.54 -4.13
C ILE A 493 9.12 9.55 -2.69
N GLN A 494 9.03 8.39 -2.02
CA GLN A 494 9.55 8.28 -0.67
C GLN A 494 11.09 8.47 -0.68
N PHE A 495 11.79 7.92 -1.69
CA PHE A 495 13.20 8.20 -1.88
C PHE A 495 13.43 9.69 -2.12
N GLN A 496 12.66 10.27 -3.06
CA GLN A 496 12.88 11.69 -3.27
C GLN A 496 12.68 12.43 -1.97
N PHE A 497 11.68 12.06 -1.18
CA PHE A 497 11.45 12.84 0.02
C PHE A 497 12.62 12.64 0.99
N HIS A 498 13.08 11.39 1.08
CA HIS A 498 14.11 10.99 2.00
C HIS A 498 15.40 11.73 1.65
N GLU A 499 15.65 11.81 0.35
CA GLU A 499 16.81 12.52 -0.16
C GLU A 499 16.77 14.00 0.26
N ALA A 500 15.58 14.62 0.14
CA ALA A 500 15.41 16.04 0.48
C ALA A 500 15.48 16.25 1.98
N LEU A 501 14.94 15.30 2.75
CA LEU A 501 14.87 15.58 4.18
C LEU A 501 16.29 15.41 4.75
N CYS A 502 17.14 14.64 4.05
CA CYS A 502 18.50 14.37 4.48
C CYS A 502 19.37 15.60 4.29
N GLN A 503 19.20 16.25 3.14
CA GLN A 503 19.82 17.52 2.82
C GLN A 503 19.35 18.60 3.81
N ALA A 504 18.03 18.71 4.09
CA ALA A 504 17.59 19.67 5.09
C ALA A 504 18.29 19.41 6.43
N ALA A 505 18.44 18.11 6.78
CA ALA A 505 18.94 17.73 8.10
C ALA A 505 20.45 17.91 8.19
N GLY A 506 21.11 18.34 7.11
CA GLY A 506 22.57 18.45 7.06
C GLY A 506 23.34 17.12 6.87
N HIS A 507 22.84 16.17 6.06
CA HIS A 507 23.55 14.90 6.04
C HIS A 507 24.53 14.92 4.87
N THR A 508 25.67 14.22 4.96
CA THR A 508 26.57 14.22 3.81
C THR A 508 27.10 12.82 3.51
N GLY A 509 27.60 12.65 2.29
CA GLY A 509 27.91 11.30 1.92
C GLY A 509 26.61 10.55 1.60
N PRO A 510 26.70 9.21 1.58
CA PRO A 510 25.82 8.39 0.74
C PRO A 510 24.46 8.41 1.39
N LEU A 511 23.47 8.53 0.51
CA LEU A 511 22.11 8.81 0.90
C LEU A 511 21.60 7.69 1.84
N HIS A 512 22.07 6.46 1.63
CA HIS A 512 21.57 5.32 2.38
C HIS A 512 22.13 5.29 3.80
N LYS A 513 22.98 6.25 4.17
CA LYS A 513 23.48 6.28 5.54
C LYS A 513 22.60 7.24 6.32
N CYS A 514 21.75 7.97 5.60
CA CYS A 514 21.00 9.01 6.29
C CYS A 514 20.03 8.44 7.33
N ASP A 515 19.99 9.12 8.47
CA ASP A 515 19.03 8.88 9.53
C ASP A 515 18.53 10.24 10.01
N ILE A 516 17.24 10.50 9.78
CA ILE A 516 16.76 11.86 10.00
C ILE A 516 16.14 11.94 11.39
N TYR A 517 16.42 10.98 12.26
CA TYR A 517 15.84 11.04 13.59
C TYR A 517 16.19 12.38 14.23
N GLN A 518 15.15 13.08 14.74
CA GLN A 518 15.23 14.29 15.55
C GLN A 518 15.50 15.53 14.70
N SER A 519 15.58 15.42 13.37
CA SER A 519 15.66 16.64 12.56
C SER A 519 14.34 17.45 12.60
N LYS A 520 14.37 18.63 13.22
CA LYS A 520 13.26 19.58 13.19
C LYS A 520 13.17 20.22 11.81
N GLU A 521 14.27 20.28 11.04
CA GLU A 521 14.19 20.84 9.69
C GLU A 521 13.36 19.93 8.79
N ALA A 522 13.55 18.62 8.97
CA ALA A 522 12.85 17.61 8.20
C ALA A 522 11.38 17.60 8.63
N GLY A 523 11.09 17.69 9.92
CA GLY A 523 9.67 17.73 10.29
C GLY A 523 8.90 18.87 9.62
N GLN A 524 9.49 20.06 9.64
CA GLN A 524 8.92 21.26 9.05
C GLN A 524 8.57 21.07 7.55
N ARG A 525 9.46 20.46 6.75
CA ARG A 525 9.14 20.28 5.34
C ARG A 525 7.89 19.42 5.20
N LEU A 526 7.87 18.32 5.96
CA LEU A 526 6.79 17.37 5.88
C LEU A 526 5.47 18.04 6.30
N ALA A 527 5.44 18.67 7.49
CA ALA A 527 4.26 19.30 8.09
C ALA A 527 3.69 20.32 7.11
N THR A 528 4.52 21.19 6.52
CA THR A 528 3.87 22.19 5.67
C THR A 528 3.27 21.52 4.43
N ALA A 529 3.99 20.53 3.82
CA ALA A 529 3.43 19.70 2.76
C ALA A 529 2.09 19.07 3.19
N MET A 530 2.09 18.38 4.33
CA MET A 530 0.86 17.70 4.70
C MET A 530 -0.30 18.67 5.04
N LYS A 531 -0.03 19.92 5.46
CA LYS A 531 -1.11 20.82 5.86
C LYS A 531 -1.97 21.22 4.67
N LEU A 532 -1.41 21.13 3.47
CA LEU A 532 -2.08 21.52 2.25
C LEU A 532 -3.25 20.56 1.95
N GLY A 533 -3.16 19.33 2.46
CA GLY A 533 -4.18 18.35 2.17
C GLY A 533 -4.31 18.14 0.67
N PHE A 534 -5.57 18.14 0.21
CA PHE A 534 -5.84 18.06 -1.22
C PHE A 534 -6.19 19.45 -1.78
N SER A 535 -5.64 20.53 -1.18
CA SER A 535 -6.07 21.90 -1.50
C SER A 535 -5.42 22.48 -2.76
N ARG A 536 -4.24 21.94 -3.13
CA ARG A 536 -3.43 22.45 -4.24
C ARG A 536 -3.00 21.33 -5.16
N PRO A 537 -2.75 21.57 -6.46
CA PRO A 537 -2.17 20.50 -7.31
C PRO A 537 -0.93 19.91 -6.63
N TRP A 538 -0.79 18.57 -6.71
CA TRP A 538 0.26 17.90 -5.95
C TRP A 538 1.69 18.39 -6.26
N PRO A 539 2.06 18.94 -7.46
CA PRO A 539 3.46 19.33 -7.70
C PRO A 539 3.87 20.40 -6.69
N GLU A 540 2.84 21.05 -6.07
CA GLU A 540 3.12 22.14 -5.15
C GLU A 540 3.61 21.56 -3.84
N ALA A 541 2.95 20.48 -3.37
CA ALA A 541 3.50 19.75 -2.24
C ALA A 541 4.84 19.11 -2.62
N MET A 542 5.00 18.60 -3.85
CA MET A 542 6.27 17.98 -4.14
C MET A 542 7.39 18.99 -3.94
N GLN A 543 7.13 20.23 -4.44
CA GLN A 543 8.03 21.39 -4.50
C GLN A 543 8.32 21.88 -3.09
N LEU A 544 7.31 22.01 -2.22
CA LEU A 544 7.58 22.29 -0.83
C LEU A 544 8.55 21.28 -0.22
N ILE A 545 8.40 19.98 -0.53
CA ILE A 545 9.23 19.04 0.22
C ILE A 545 10.64 19.02 -0.41
N THR A 546 10.72 19.17 -1.74
CA THR A 546 11.89 18.68 -2.44
C THR A 546 12.55 19.76 -3.28
N GLY A 547 12.08 21.01 -3.27
CA GLY A 547 12.67 22.02 -4.14
C GLY A 547 12.35 21.93 -5.62
N GLN A 548 11.66 20.89 -6.09
CA GLN A 548 11.26 20.93 -7.49
C GLN A 548 9.87 20.31 -7.56
N PRO A 549 9.14 20.32 -8.72
CA PRO A 549 7.78 19.79 -8.77
C PRO A 549 7.53 18.43 -9.44
N GLN A 550 8.58 17.72 -9.90
CA GLN A 550 8.30 16.48 -10.63
C GLN A 550 8.53 15.22 -9.79
N MET A 551 7.90 14.12 -10.21
CA MET A 551 8.24 12.80 -9.70
C MET A 551 9.52 12.35 -10.43
N SER A 552 10.44 11.67 -9.74
CA SER A 552 11.74 11.32 -10.34
C SER A 552 12.33 10.09 -9.63
N ALA A 553 12.75 9.10 -10.44
CA ALA A 553 13.48 7.92 -9.99
C ALA A 553 14.89 8.22 -9.44
N SER A 554 15.50 9.37 -9.75
CA SER A 554 16.93 9.50 -9.51
C SER A 554 17.33 9.41 -8.02
N ALA A 555 16.42 9.70 -7.08
CA ALA A 555 16.80 9.57 -5.69
C ALA A 555 16.86 8.08 -5.29
N MET A 556 15.87 7.32 -5.78
CA MET A 556 15.92 5.89 -5.57
C MET A 556 17.19 5.33 -6.23
N LEU A 557 17.48 5.69 -7.47
CA LEU A 557 18.62 5.08 -8.14
C LEU A 557 19.88 5.39 -7.37
N SER A 558 19.91 6.57 -6.74
CA SER A 558 21.13 7.07 -6.17
C SER A 558 21.25 6.46 -4.79
N TYR A 559 20.13 6.27 -4.10
CA TYR A 559 20.19 5.49 -2.87
C TYR A 559 20.77 4.08 -3.08
N PHE A 560 20.43 3.39 -4.20
CA PHE A 560 20.80 1.98 -4.42
C PHE A 560 22.09 1.82 -5.28
N LYS A 561 22.73 2.93 -5.64
CA LYS A 561 23.81 2.97 -6.64
C LYS A 561 24.94 2.01 -6.28
N PRO A 562 25.45 1.98 -5.02
CA PRO A 562 26.42 0.96 -4.59
C PRO A 562 25.98 -0.49 -4.78
N LEU A 563 24.70 -0.76 -4.53
CA LEU A 563 24.20 -2.09 -4.78
C LEU A 563 24.16 -2.39 -6.29
N LEU A 564 23.76 -1.43 -7.12
CA LEU A 564 23.72 -1.68 -8.56
C LEU A 564 25.14 -1.98 -9.11
N ASP A 565 26.17 -1.27 -8.59
CA ASP A 565 27.53 -1.53 -9.01
C ASP A 565 27.86 -2.95 -8.58
N TRP A 566 27.38 -3.33 -7.40
CA TRP A 566 27.80 -4.63 -6.87
C TRP A 566 27.13 -5.76 -7.67
N LEU A 567 25.86 -5.56 -8.05
CA LEU A 567 25.07 -6.58 -8.70
C LEU A 567 25.60 -6.85 -10.10
N ARG A 568 25.95 -5.79 -10.79
CA ARG A 568 26.50 -5.87 -12.13
C ARG A 568 27.79 -6.68 -12.14
N THR A 569 28.69 -6.36 -11.22
CA THR A 569 29.99 -7.04 -11.10
C THR A 569 29.78 -8.53 -10.77
N GLU A 570 28.83 -8.80 -9.87
CA GLU A 570 28.58 -10.17 -9.40
C GLU A 570 27.91 -11.02 -10.50
N ASN A 571 26.81 -10.50 -11.07
CA ASN A 571 26.08 -11.10 -12.19
C ASN A 571 27.01 -11.30 -13.37
N GLU A 572 27.98 -10.43 -13.56
CA GLU A 572 28.83 -10.57 -14.74
C GLU A 572 29.85 -11.70 -14.54
N LEU A 573 30.30 -11.86 -13.30
CA LEU A 573 31.27 -12.89 -12.96
C LEU A 573 30.68 -14.26 -13.27
N HIS A 574 29.36 -14.34 -12.99
CA HIS A 574 28.69 -15.61 -13.06
C HIS A 574 28.11 -15.87 -14.44
N GLY A 575 28.15 -14.88 -15.33
CA GLY A 575 27.62 -14.99 -16.69
C GLY A 575 26.10 -14.85 -16.78
N GLU A 576 25.45 -14.20 -15.82
CA GLU A 576 23.99 -14.21 -15.82
C GLU A 576 23.41 -13.66 -17.14
N LYS A 577 22.36 -14.30 -17.67
CA LYS A 577 21.58 -13.63 -18.72
C LYS A 577 20.41 -12.92 -18.07
N LEU A 578 20.51 -11.59 -17.99
CA LEU A 578 19.49 -10.75 -17.37
C LEU A 578 18.20 -10.99 -18.12
N GLY A 579 17.03 -10.97 -17.45
CA GLY A 579 15.77 -11.17 -18.14
C GLY A 579 15.34 -12.64 -18.21
N TRP A 580 14.31 -12.86 -19.05
CA TRP A 580 13.61 -14.12 -19.25
C TRP A 580 12.87 -14.04 -20.58
N PRO A 581 12.47 -15.13 -21.28
CA PRO A 581 12.01 -14.99 -22.68
C PRO A 581 10.53 -14.66 -23.00
#